data_3EBZ
#
_entry.id   3EBZ
#
_cell.length_a   105.408
_cell.length_b   30.827
_cell.length_c   55.768
_cell.angle_alpha   90.00
_cell.angle_beta   91.41
_cell.angle_gamma   90.00
#
_symmetry.space_group_name_H-M   'C 1 2 1'
#
loop_
_entity.id
_entity.type
_entity.pdbx_description
1 polymer Protease
2 non-polymer IMIDAZOLE
3 non-polymer 'ZINC ION'
4 non-polymer 'CHLORIDE ION'
5 non-polymer 'SODIUM ION'
6 non-polymer (3R,3AS,6AR)-HEXAHYDROFURO[2,3-B]FURAN-3-YL(1S,2R)-3-[[(4-AMINOPHENYL)SULFONYL](ISOBUTYL)AMINO]-1-BENZYL-2-HYDROXYPROPYLCARBAMATE
7 water water
#
_entity_poly.entity_id   1
_entity_poly.type   'polypeptide(L)'
_entity_poly.pdbx_seq_one_letter_code
;PQFSLWKRPVVTAYIEGQPVEVLLDTGADDSIVAGIELGNNYSPKIVGGIGGFINTKEYKNVEIEVLNKKVRATIMTGDT
PINIFGRNILTALGMSLNL
;
_entity_poly.pdbx_strand_id   A,B
#
# COMPACT_ATOMS: atom_id res chain seq x y z
N PRO A 1 17.61 -2.65 -8.46
CA PRO A 1 16.38 -3.15 -9.07
C PRO A 1 15.30 -2.08 -9.14
N GLN A 2 14.43 -2.20 -10.15
CA GLN A 2 13.32 -1.29 -10.38
C GLN A 2 11.99 -2.05 -10.56
N PHE A 3 11.02 -1.65 -9.77
CA PHE A 3 9.67 -2.17 -9.95
C PHE A 3 8.79 -1.13 -10.65
N SER A 4 8.38 -1.48 -11.87
CA SER A 4 7.67 -0.49 -12.68
C SER A 4 6.18 -0.33 -12.36
N LEU A 5 5.65 -1.14 -11.47
CA LEU A 5 4.28 -1.04 -10.94
C LEU A 5 3.20 -1.39 -11.94
N TRP A 6 3.52 -1.91 -13.13
CA TRP A 6 2.47 -2.42 -14.01
C TRP A 6 1.86 -3.70 -13.46
N LYS A 7 2.69 -4.40 -12.69
CA LYS A 7 2.31 -5.55 -11.94
C LYS A 7 2.49 -5.30 -10.44
N ARG A 8 1.86 -6.12 -9.59
CA ARG A 8 2.13 -6.01 -8.16
C ARG A 8 3.62 -6.27 -7.87
N PRO A 9 4.26 -5.42 -7.06
CA PRO A 9 5.68 -5.65 -6.74
C PRO A 9 5.85 -6.71 -5.67
N VAL A 10 5.90 -7.96 -6.10
CA VAL A 10 5.98 -9.09 -5.19
C VAL A 10 7.29 -9.85 -5.43
N VAL A 11 7.98 -10.07 -4.32
CA VAL A 11 9.27 -10.73 -4.31
C VAL A 11 9.30 -11.86 -3.28
N THR A 12 10.32 -12.71 -3.35
CA THR A 12 10.43 -13.76 -2.36
C THR A 12 11.37 -13.27 -1.26
N ALA A 13 10.90 -13.42 -0.04
CA ALA A 13 11.70 -13.08 1.14
C ALA A 13 11.87 -14.32 2.01
N TYR A 14 12.87 -14.31 2.87
CA TYR A 14 13.11 -15.35 3.84
C TYR A 14 13.00 -14.70 5.22
N ILE A 15 12.08 -15.18 6.03
CA ILE A 15 11.90 -14.63 7.37
C ILE A 15 12.31 -15.71 8.33
N GLU A 16 13.38 -15.46 9.08
CA GLU A 16 13.97 -16.45 9.94
C GLU A 16 14.21 -17.69 9.09
N GLY A 17 14.62 -17.51 7.84
CA GLY A 17 14.90 -18.63 6.94
C GLY A 17 13.76 -19.22 6.16
N GLN A 18 12.53 -18.85 6.47
CA GLN A 18 11.43 -19.51 5.74
C GLN A 18 10.95 -18.61 4.61
N PRO A 19 10.82 -19.20 3.43
CA PRO A 19 10.45 -18.41 2.25
C PRO A 19 8.99 -18.02 2.30
N VAL A 20 8.74 -16.76 1.99
CA VAL A 20 7.41 -16.21 1.88
C VAL A 20 7.40 -15.24 0.71
N GLU A 21 6.28 -15.15 0.00
CA GLU A 21 6.19 -14.08 -1.02
C GLU A 21 5.64 -12.85 -0.31
N VAL A 22 6.19 -11.69 -0.61
CA VAL A 22 5.78 -10.44 0.05
C VAL A 22 5.58 -9.33 -0.96
N LEU A 23 4.63 -8.47 -0.61
CA LEU A 23 4.28 -7.32 -1.43
C LEU A 23 5.06 -6.12 -0.94
N LEU A 24 5.78 -5.40 -1.79
CA LEU A 24 6.54 -4.21 -1.40
C LEU A 24 5.58 -3.03 -1.39
N ASP A 25 5.21 -2.54 -0.21
CA ASP A 25 4.03 -1.71 -0.07
C ASP A 25 4.34 -0.37 0.58
N THR A 26 4.41 0.70 -0.22
CA THR A 26 4.60 2.05 0.30
C THR A 26 3.41 2.58 1.10
N GLY A 27 2.25 1.94 0.93
CA GLY A 27 1.07 2.32 1.66
C GLY A 27 0.91 1.71 3.04
N ALA A 28 1.88 0.92 3.47
CA ALA A 28 1.90 0.26 4.75
C ALA A 28 2.98 0.86 5.64
N ASP A 29 2.69 1.33 6.82
CA ASP A 29 3.70 1.84 7.69
C ASP A 29 4.66 0.72 8.14
N ASP A 30 4.09 -0.45 8.41
CA ASP A 30 4.77 -1.56 9.04
C ASP A 30 4.48 -2.82 8.25
N SER A 31 5.08 -3.91 8.64
CA SER A 31 5.07 -5.15 7.88
C SER A 31 4.27 -6.21 8.62
N ILE A 32 3.51 -6.98 7.90
CA ILE A 32 2.60 -7.97 8.44
C ILE A 32 2.61 -9.21 7.56
N VAL A 33 2.82 -10.37 8.19
CA VAL A 33 2.90 -11.64 7.48
C VAL A 33 2.03 -12.68 8.22
N ALA A 34 1.50 -13.55 7.39
CA ALA A 34 0.70 -14.69 7.83
C ALA A 34 1.45 -16.00 7.63
N GLY A 35 0.95 -17.00 8.35
CA GLY A 35 1.44 -18.37 8.22
C GLY A 35 2.76 -18.64 8.87
N ILE A 36 3.44 -17.70 9.49
CA ILE A 36 4.72 -17.95 10.12
C ILE A 36 4.62 -17.59 11.60
N GLU A 37 5.04 -18.47 12.45
CA GLU A 37 5.08 -18.44 13.88
C GLU A 37 6.43 -17.84 14.32
N LEU A 38 6.32 -16.74 15.05
CA LEU A 38 7.53 -16.09 15.57
C LEU A 38 7.59 -16.18 17.09
N GLY A 39 6.62 -16.77 17.80
CA GLY A 39 6.85 -17.17 19.17
C GLY A 39 6.10 -16.34 20.22
N ASN A 40 6.52 -16.39 21.50
CA ASN A 40 5.79 -15.85 22.63
C ASN A 40 6.17 -14.45 23.09
N ASN A 41 7.23 -13.92 22.46
CA ASN A 41 7.71 -12.60 22.82
C ASN A 41 7.32 -11.56 21.81
N TYR A 42 6.14 -11.03 22.03
CA TYR A 42 5.50 -10.07 21.15
C TYR A 42 4.76 -9.01 21.97
N SER A 43 4.25 -8.02 21.27
CA SER A 43 3.34 -7.03 21.81
CA SER A 43 3.32 -7.05 21.83
C SER A 43 2.12 -7.04 20.91
N PRO A 44 0.94 -7.25 21.46
CA PRO A 44 -0.31 -7.30 20.64
C PRO A 44 -0.68 -5.89 20.24
N LYS A 45 -1.08 -5.75 18.96
CA LYS A 45 -1.48 -4.47 18.42
C LYS A 45 -2.54 -4.69 17.36
N ILE A 46 -3.31 -3.65 17.11
CA ILE A 46 -4.39 -3.72 16.15
C ILE A 46 -4.04 -2.80 14.99
N VAL A 47 -4.24 -3.32 13.77
CA VAL A 47 -4.06 -2.51 12.61
C VAL A 47 -5.35 -2.40 11.77
N GLY A 48 -5.52 -1.28 11.12
CA GLY A 48 -6.70 -1.00 10.34
C GLY A 48 -6.40 -0.71 8.89
N GLY A 49 -7.31 -1.11 8.03
CA GLY A 49 -7.24 -0.78 6.63
C GLY A 49 -8.61 -0.89 6.01
N ILE A 50 -8.62 -1.13 4.70
CA ILE A 50 -9.89 -1.32 4.01
C ILE A 50 -10.55 -2.61 4.52
N GLY A 51 -11.82 -2.47 4.88
CA GLY A 51 -12.57 -3.63 5.29
C GLY A 51 -12.58 -3.83 6.80
N GLY A 52 -11.72 -3.08 7.50
CA GLY A 52 -11.75 -3.15 8.94
C GLY A 52 -10.41 -3.23 9.61
N PHE A 53 -10.29 -4.08 10.62
CA PHE A 53 -9.18 -4.17 11.51
C PHE A 53 -8.79 -5.63 11.71
N ILE A 54 -7.54 -5.83 12.08
CA ILE A 54 -7.09 -7.15 12.50
C ILE A 54 -6.18 -7.03 13.73
N ASN A 55 -6.26 -8.03 14.59
CA ASN A 55 -5.33 -8.26 15.65
C ASN A 55 -3.97 -8.70 15.11
N THR A 56 -2.89 -8.19 15.62
CA THR A 56 -1.57 -8.67 15.22
C THR A 56 -0.68 -8.89 16.44
N LYS A 57 0.41 -9.58 16.18
CA LYS A 57 1.45 -9.73 17.21
C LYS A 57 2.73 -9.08 16.71
N GLU A 58 3.28 -8.10 17.43
CA GLU A 58 4.45 -7.38 16.90
C GLU A 58 5.72 -7.97 17.49
N TYR A 59 6.65 -8.38 16.62
CA TYR A 59 7.95 -8.93 16.97
C TYR A 59 9.07 -7.97 16.57
N LYS A 60 10.06 -7.77 17.45
CA LYS A 60 11.20 -6.93 17.13
C LYS A 60 12.41 -7.75 16.70
N ASN A 61 13.27 -7.13 15.93
CA ASN A 61 14.61 -7.59 15.60
C ASN A 61 14.57 -8.95 14.94
N VAL A 62 13.73 -9.07 13.90
CA VAL A 62 13.53 -10.28 13.13
C VAL A 62 14.43 -10.31 11.91
N GLU A 63 15.05 -11.48 11.68
CA GLU A 63 15.93 -11.65 10.56
C GLU A 63 15.20 -11.71 9.23
N ILE A 64 15.52 -10.82 8.30
CA ILE A 64 14.83 -10.80 7.01
C ILE A 64 15.85 -10.79 5.87
N GLU A 65 15.67 -11.63 4.85
CA GLU A 65 16.52 -11.61 3.69
C GLU A 65 15.58 -11.36 2.49
N VAL A 66 15.88 -10.28 1.77
CA VAL A 66 15.02 -9.93 0.64
C VAL A 66 15.84 -9.04 -0.28
N LEU A 67 15.63 -9.13 -1.58
CA LEU A 67 16.33 -8.36 -2.62
C LEU A 67 17.85 -8.36 -2.48
N ASN A 68 18.37 -9.54 -2.22
CA ASN A 68 19.79 -9.79 -1.96
C ASN A 68 20.36 -9.00 -0.80
N LYS A 69 19.53 -8.56 0.14
CA LYS A 69 19.99 -7.89 1.32
C LYS A 69 19.51 -8.60 2.58
N LYS A 70 20.27 -8.45 3.65
CA LYS A 70 19.80 -8.98 4.93
C LYS A 70 19.62 -7.86 5.94
N VAL A 71 18.45 -7.83 6.58
CA VAL A 71 18.24 -6.78 7.60
C VAL A 71 17.53 -7.38 8.82
N ARG A 72 17.52 -6.64 9.92
CA ARG A 72 16.83 -7.03 11.15
C ARG A 72 15.73 -6.00 11.37
N ALA A 73 14.48 -6.43 11.53
CA ALA A 73 13.38 -5.49 11.46
C ALA A 73 12.19 -6.01 12.24
N THR A 74 11.29 -5.08 12.46
CA THR A 74 10.02 -5.35 13.14
C THR A 74 9.05 -6.01 12.16
N ILE A 75 8.43 -7.12 12.59
CA ILE A 75 7.44 -7.80 11.78
C ILE A 75 6.23 -8.12 12.67
N MET A 76 5.04 -7.85 12.15
CA MET A 76 3.83 -8.29 12.78
C MET A 76 3.37 -9.59 12.16
N THR A 77 2.80 -10.47 12.98
CA THR A 77 2.06 -11.59 12.42
C THR A 77 0.58 -11.42 12.69
N GLY A 78 -0.25 -11.93 11.76
CA GLY A 78 -1.67 -11.89 11.94
C GLY A 78 -2.36 -12.48 10.70
N ASP A 79 -3.69 -12.48 10.82
CA ASP A 79 -4.44 -13.10 9.70
C ASP A 79 -4.62 -12.17 8.53
N THR A 80 -3.51 -11.73 7.96
CA THR A 80 -3.55 -10.82 6.83
C THR A 80 -3.74 -11.65 5.57
N PRO A 81 -4.50 -11.16 4.63
CA PRO A 81 -4.74 -11.93 3.40
C PRO A 81 -3.54 -11.98 2.45
N ILE A 82 -2.61 -11.05 2.63
CA ILE A 82 -1.41 -10.99 1.78
C ILE A 82 -0.26 -10.59 2.69
N ASN A 83 0.95 -11.02 2.38
CA ASN A 83 2.12 -10.65 3.17
C ASN A 83 2.68 -9.32 2.69
N ILE A 84 2.89 -8.43 3.66
CA ILE A 84 3.23 -7.03 3.30
C ILE A 84 4.52 -6.61 3.97
N PHE A 85 5.49 -6.13 3.13
CA PHE A 85 6.67 -5.48 3.58
C PHE A 85 6.42 -3.97 3.40
N GLY A 86 6.17 -3.34 4.56
CA GLY A 86 5.87 -1.91 4.57
C GLY A 86 7.14 -1.08 4.75
N ARG A 87 6.91 0.20 4.98
CA ARG A 87 7.99 1.17 4.93
C ARG A 87 9.06 0.88 5.94
N ASN A 88 8.81 0.23 7.06
CA ASN A 88 9.89 0.00 8.00
C ASN A 88 10.96 -0.88 7.37
N ILE A 89 10.53 -1.83 6.53
CA ILE A 89 11.50 -2.67 5.80
C ILE A 89 12.00 -1.96 4.55
N LEU A 90 11.12 -1.29 3.80
CA LEU A 90 11.61 -0.64 2.56
C LEU A 90 12.71 0.36 2.86
N THR A 91 12.56 1.15 3.90
CA THR A 91 13.60 2.08 4.29
C THR A 91 14.87 1.40 4.73
N ALA A 92 14.78 0.26 5.41
CA ALA A 92 16.00 -0.45 5.79
C ALA A 92 16.72 -0.97 4.57
N LEU A 93 15.99 -1.25 3.50
CA LEU A 93 16.63 -1.73 2.30
C LEU A 93 17.16 -0.58 1.47
N GLY A 94 16.77 0.65 1.75
CA GLY A 94 17.17 1.83 0.98
C GLY A 94 16.33 2.03 -0.26
N MET A 95 15.10 1.55 -0.24
CA MET A 95 14.18 1.73 -1.35
CA MET A 95 14.21 1.73 -1.40
C MET A 95 13.55 3.10 -1.42
N SER A 96 13.23 3.58 -2.62
CA SER A 96 12.55 4.84 -2.78
C SER A 96 11.45 4.73 -3.85
N LEU A 97 10.50 5.65 -3.74
CA LEU A 97 9.39 5.75 -4.68
C LEU A 97 9.64 7.01 -5.48
N ASN A 98 9.75 6.90 -6.81
CA ASN A 98 10.21 7.98 -7.65
C ASN A 98 9.26 8.30 -8.78
N LEU A 99 9.11 9.58 -9.12
CA LEU A 99 8.46 10.04 -10.34
C LEU A 99 9.47 10.86 -11.16
N PRO B 1 10.10 13.93 -8.67
CA PRO B 1 10.04 13.95 -7.22
C PRO B 1 10.46 12.61 -6.65
N GLN B 2 10.92 12.63 -5.41
CA GLN B 2 11.35 11.37 -4.81
C GLN B 2 10.83 11.22 -3.39
N PHE B 3 10.37 10.02 -3.05
CA PHE B 3 9.84 9.71 -1.72
C PHE B 3 10.72 8.66 -1.05
N SER B 4 11.42 9.06 0.01
CA SER B 4 12.35 8.16 0.69
C SER B 4 11.75 7.20 1.71
N LEU B 5 10.45 7.33 1.95
CA LEU B 5 9.64 6.37 2.68
C LEU B 5 9.91 6.34 4.17
N TRP B 6 10.75 7.23 4.71
CA TRP B 6 10.86 7.39 6.17
C TRP B 6 9.57 8.01 6.75
N LYS B 7 8.84 8.79 5.96
CA LYS B 7 7.52 9.31 6.21
C LYS B 7 6.59 8.68 5.18
N ARG B 8 5.29 8.65 5.49
CA ARG B 8 4.30 8.21 4.52
C ARG B 8 4.41 9.02 3.24
N PRO B 9 4.33 8.44 2.05
CA PRO B 9 4.32 9.23 0.83
C PRO B 9 2.93 9.77 0.52
N VAL B 10 2.59 10.79 1.30
CA VAL B 10 1.35 11.49 1.19
C VAL B 10 1.54 12.81 0.46
N VAL B 11 0.59 13.08 -0.42
CA VAL B 11 0.57 14.34 -1.15
C VAL B 11 -0.88 14.84 -1.23
N THR B 12 -1.04 16.05 -1.66
CA THR B 12 -2.39 16.56 -1.98
C THR B 12 -2.63 16.35 -3.46
N ALA B 13 -3.88 16.26 -3.84
CA ALA B 13 -4.33 16.08 -5.20
C ALA B 13 -5.69 16.74 -5.40
N TYR B 14 -6.05 16.96 -6.62
CA TYR B 14 -7.42 17.31 -6.95
C TYR B 14 -8.03 16.17 -7.74
N ILE B 15 -9.26 15.85 -7.46
CA ILE B 15 -10.05 14.86 -8.22
C ILE B 15 -11.29 15.61 -8.70
N GLU B 16 -11.36 15.81 -10.04
CA GLU B 16 -12.39 16.68 -10.63
C GLU B 16 -12.57 17.95 -9.83
N GLY B 17 -11.44 18.55 -9.46
CA GLY B 17 -11.38 19.80 -8.74
C GLY B 17 -11.54 19.71 -7.22
N GLN B 18 -11.78 18.53 -6.67
CA GLN B 18 -12.01 18.38 -5.25
C GLN B 18 -10.70 18.04 -4.54
N PRO B 19 -10.26 18.83 -3.59
CA PRO B 19 -8.97 18.58 -2.96
C PRO B 19 -8.99 17.42 -1.98
N VAL B 20 -7.93 16.61 -2.01
CA VAL B 20 -7.79 15.45 -1.14
C VAL B 20 -6.34 15.30 -0.71
N GLU B 21 -6.15 14.65 0.41
CA GLU B 21 -4.91 14.08 0.87
C GLU B 21 -4.88 12.62 0.44
N VAL B 22 -3.85 12.17 -0.24
CA VAL B 22 -3.77 10.83 -0.75
C VAL B 22 -2.39 10.23 -0.47
N LEU B 23 -2.41 8.93 -0.23
CA LEU B 23 -1.25 8.08 0.03
C LEU B 23 -0.89 7.37 -1.25
N LEU B 24 0.37 7.51 -1.71
CA LEU B 24 0.86 6.79 -2.88
C LEU B 24 1.15 5.36 -2.45
N ASP B 25 0.42 4.39 -2.96
CA ASP B 25 0.30 3.05 -2.36
C ASP B 25 0.59 1.99 -3.38
N THR B 26 1.81 1.48 -3.43
CA THR B 26 2.27 0.47 -4.33
C THR B 26 1.64 -0.89 -4.03
N GLY B 27 1.06 -1.05 -2.85
CA GLY B 27 0.33 -2.23 -2.44
C GLY B 27 -1.13 -2.27 -2.85
N ALA B 28 -1.59 -1.25 -3.58
CA ALA B 28 -2.96 -1.16 -4.02
C ALA B 28 -3.03 -1.28 -5.53
N ASP B 29 -3.90 -2.17 -6.01
CA ASP B 29 -4.14 -2.19 -7.46
C ASP B 29 -4.94 -0.99 -7.96
N ASP B 30 -5.90 -0.57 -7.11
CA ASP B 30 -6.89 0.42 -7.43
C ASP B 30 -6.67 1.67 -6.61
N SER B 31 -7.38 2.74 -6.96
CA SER B 31 -7.35 4.02 -6.24
C SER B 31 -8.70 4.24 -5.61
N ILE B 32 -8.72 4.39 -4.28
CA ILE B 32 -9.91 4.39 -3.47
C ILE B 32 -9.91 5.68 -2.68
N VAL B 33 -10.97 6.47 -2.77
CA VAL B 33 -11.10 7.76 -2.13
CA VAL B 33 -11.06 7.73 -2.06
C VAL B 33 -12.43 7.85 -1.40
N ALA B 34 -12.40 8.28 -0.17
CA ALA B 34 -13.62 8.47 0.64
C ALA B 34 -14.05 9.94 0.58
N GLY B 35 -15.37 10.12 0.72
CA GLY B 35 -15.84 11.45 0.99
C GLY B 35 -16.19 12.30 -0.19
N ILE B 36 -15.49 12.17 -1.29
CA ILE B 36 -15.70 13.00 -2.46
C ILE B 36 -16.97 12.53 -3.12
N GLU B 37 -17.57 13.44 -3.83
CA GLU B 37 -18.86 13.20 -4.45
C GLU B 37 -18.67 13.34 -5.96
N LEU B 38 -18.68 12.23 -6.68
CA LEU B 38 -18.47 12.25 -8.13
C LEU B 38 -19.74 12.00 -8.93
N GLY B 39 -20.88 11.82 -8.28
CA GLY B 39 -22.16 11.84 -8.97
C GLY B 39 -22.70 10.43 -9.19
N ASN B 40 -23.68 10.31 -10.10
CA ASN B 40 -24.38 9.05 -10.31
C ASN B 40 -23.93 8.18 -11.45
N ASN B 41 -22.91 8.61 -12.21
CA ASN B 41 -22.46 7.82 -13.36
C ASN B 41 -21.37 6.89 -12.87
N TYR B 42 -21.75 5.84 -12.16
CA TYR B 42 -20.78 4.86 -11.68
C TYR B 42 -21.31 3.46 -11.91
N SER B 43 -20.42 2.49 -11.73
CA SER B 43 -20.75 1.07 -11.63
C SER B 43 -20.31 0.58 -10.24
N PRO B 44 -21.08 -0.26 -9.60
CA PRO B 44 -20.64 -0.81 -8.31
C PRO B 44 -19.48 -1.78 -8.53
N LYS B 45 -18.55 -1.78 -7.60
CA LYS B 45 -17.45 -2.73 -7.56
C LYS B 45 -17.25 -3.23 -6.14
N ILE B 46 -16.58 -4.37 -6.01
CA ILE B 46 -16.27 -4.95 -4.74
C ILE B 46 -14.76 -4.96 -4.57
N VAL B 47 -14.25 -4.35 -3.49
CA VAL B 47 -12.84 -4.21 -3.23
C VAL B 47 -12.47 -4.86 -1.92
N GLY B 48 -11.41 -5.64 -1.91
CA GLY B 48 -10.97 -6.28 -0.69
C GLY B 48 -9.67 -5.70 -0.15
N GLY B 49 -9.62 -5.50 1.13
CA GLY B 49 -8.49 -4.96 1.86
C GLY B 49 -8.05 -5.88 2.98
N ILE B 50 -7.26 -5.34 3.89
CA ILE B 50 -6.72 -6.19 4.94
C ILE B 50 -7.81 -6.77 5.83
N GLY B 51 -8.92 -6.06 5.96
CA GLY B 51 -9.94 -6.48 6.89
C GLY B 51 -11.17 -7.13 6.33
N GLY B 52 -11.28 -7.16 5.03
CA GLY B 52 -12.54 -7.55 4.47
C GLY B 52 -12.84 -6.82 3.20
N PHE B 53 -14.08 -6.72 2.83
CA PHE B 53 -14.52 -6.24 1.53
C PHE B 53 -15.45 -5.05 1.79
N ILE B 54 -15.35 -4.13 0.83
CA ILE B 54 -16.27 -3.00 0.77
C ILE B 54 -16.87 -2.92 -0.62
N ASN B 55 -18.05 -2.34 -0.69
CA ASN B 55 -18.60 -1.87 -1.95
C ASN B 55 -18.01 -0.50 -2.29
N THR B 56 -17.73 -0.29 -3.55
CA THR B 56 -17.25 1.01 -4.02
C THR B 56 -18.06 1.40 -5.22
N LYS B 57 -17.96 2.68 -5.58
CA LYS B 57 -18.51 3.28 -6.80
C LYS B 57 -17.36 3.56 -7.77
N GLU B 58 -17.36 2.92 -8.92
CA GLU B 58 -16.29 3.10 -9.90
C GLU B 58 -16.62 4.16 -10.92
N TYR B 59 -15.78 5.16 -10.99
CA TYR B 59 -15.88 6.26 -11.96
C TYR B 59 -14.70 6.19 -12.92
N LYS B 60 -14.98 6.12 -14.21
CA LYS B 60 -13.93 6.05 -15.19
C LYS B 60 -13.61 7.45 -15.71
N ASN B 61 -12.40 7.57 -16.21
CA ASN B 61 -11.95 8.75 -16.92
C ASN B 61 -12.10 10.03 -16.12
N VAL B 62 -11.71 9.91 -14.86
CA VAL B 62 -11.79 11.05 -13.94
C VAL B 62 -10.53 11.88 -14.05
N GLU B 63 -10.69 13.22 -14.09
CA GLU B 63 -9.52 14.10 -14.08
C GLU B 63 -8.87 14.15 -12.70
N ILE B 64 -7.56 13.91 -12.72
CA ILE B 64 -6.86 14.03 -11.45
C ILE B 64 -5.56 14.82 -11.71
N GLU B 65 -5.31 15.69 -10.73
CA GLU B 65 -4.15 16.58 -10.70
C GLU B 65 -3.35 16.23 -9.45
N VAL B 66 -2.11 15.79 -9.69
CA VAL B 66 -1.25 15.36 -8.60
C VAL B 66 0.18 15.44 -9.09
N LEU B 67 1.10 15.84 -8.20
CA LEU B 67 2.50 15.92 -8.57
C LEU B 67 2.77 16.69 -9.84
N ASN B 68 2.03 17.79 -9.97
CA ASN B 68 2.22 18.71 -11.08
C ASN B 68 1.86 18.05 -12.41
N LYS B 69 1.19 16.92 -12.38
CA LYS B 69 0.72 16.24 -13.58
C LYS B 69 -0.80 16.24 -13.61
N LYS B 70 -1.38 16.09 -14.79
CA LYS B 70 -2.80 15.93 -15.02
C LYS B 70 -2.98 14.60 -15.75
N VAL B 71 -3.73 13.67 -15.19
CA VAL B 71 -4.06 12.42 -15.88
C VAL B 71 -5.57 12.14 -15.75
N ARG B 72 -6.01 11.21 -16.59
N ARG B 72 -6.08 11.22 -16.57
CA ARG B 72 -7.33 10.63 -16.55
CA ARG B 72 -7.47 10.79 -16.42
C ARG B 72 -7.17 9.23 -15.99
C ARG B 72 -7.43 9.28 -16.15
N ALA B 73 -8.01 8.86 -15.04
CA ALA B 73 -7.92 7.52 -14.48
C ALA B 73 -9.21 7.13 -13.77
N THR B 74 -9.27 5.85 -13.41
CA THR B 74 -10.39 5.31 -12.69
C THR B 74 -10.23 5.54 -11.20
N ILE B 75 -11.26 6.11 -10.61
CA ILE B 75 -11.34 6.31 -9.17
C ILE B 75 -12.53 5.54 -8.64
N MET B 76 -12.31 4.84 -7.54
CA MET B 76 -13.41 4.23 -6.81
CA MET B 76 -13.26 4.13 -6.72
C MET B 76 -13.65 5.02 -5.54
N THR B 77 -14.88 5.34 -5.28
CA THR B 77 -15.18 6.01 -4.01
C THR B 77 -15.77 4.96 -3.10
N GLY B 78 -15.42 5.03 -1.84
CA GLY B 78 -15.94 4.15 -0.81
C GLY B 78 -15.19 4.34 0.50
N ASP B 79 -15.50 3.48 1.43
CA ASP B 79 -15.06 3.64 2.82
C ASP B 79 -13.68 3.09 3.05
N THR B 80 -12.68 3.83 2.64
CA THR B 80 -11.29 3.60 3.02
C THR B 80 -10.88 4.56 4.13
N PRO B 81 -10.12 4.12 5.10
CA PRO B 81 -9.71 5.04 6.17
C PRO B 81 -8.64 6.04 5.75
N ILE B 82 -7.98 5.79 4.65
CA ILE B 82 -6.94 6.64 4.05
C ILE B 82 -7.14 6.62 2.56
N ASN B 83 -7.17 7.79 1.94
CA ASN B 83 -7.34 7.82 0.49
C ASN B 83 -6.06 7.33 -0.16
N ILE B 84 -6.17 6.45 -1.13
CA ILE B 84 -5.01 5.83 -1.74
C ILE B 84 -5.02 5.96 -3.26
N PHE B 85 -3.88 6.33 -3.79
CA PHE B 85 -3.63 6.24 -5.23
C PHE B 85 -2.79 5.00 -5.43
N GLY B 86 -3.41 4.00 -6.05
CA GLY B 86 -2.78 2.72 -6.34
C GLY B 86 -2.14 2.69 -7.70
N ARG B 87 -1.75 1.50 -8.11
CA ARG B 87 -0.90 1.36 -9.26
C ARG B 87 -1.51 1.81 -10.58
N ASN B 88 -2.82 1.75 -10.69
CA ASN B 88 -3.49 2.31 -11.87
C ASN B 88 -3.12 3.79 -12.10
N ILE B 89 -3.02 4.58 -11.01
CA ILE B 89 -2.57 5.97 -11.13
C ILE B 89 -1.05 6.07 -11.12
N LEU B 90 -0.37 5.24 -10.29
CA LEU B 90 1.09 5.40 -10.22
C LEU B 90 1.70 5.13 -11.58
N THR B 91 1.21 4.13 -12.30
CA THR B 91 1.67 3.88 -13.67
C THR B 91 1.31 5.01 -14.63
N ALA B 92 0.14 5.59 -14.53
CA ALA B 92 -0.24 6.69 -15.42
C ALA B 92 0.75 7.82 -15.18
N LEU B 93 1.24 8.00 -13.96
CA LEU B 93 2.17 9.06 -13.63
C LEU B 93 3.60 8.71 -14.03
N GLY B 94 3.88 7.44 -14.32
CA GLY B 94 5.23 7.02 -14.63
C GLY B 94 6.12 6.79 -13.43
N MET B 95 5.58 6.42 -12.28
CA MET B 95 6.31 6.17 -11.05
C MET B 95 6.85 4.74 -10.97
N SER B 96 7.87 4.64 -10.13
CA SER B 96 8.56 3.37 -9.99
C SER B 96 9.09 3.29 -8.56
N LEU B 97 9.33 2.06 -8.12
CA LEU B 97 9.98 1.73 -6.86
C LEU B 97 11.39 1.26 -7.20
N ASN B 98 12.38 1.77 -6.48
CA ASN B 98 13.77 1.59 -6.83
C ASN B 98 14.65 1.31 -5.61
N LEU B 99 15.69 0.52 -5.81
CA LEU B 99 16.67 0.10 -4.85
C LEU B 99 18.02 0.05 -5.58
#